data_6F6S
#
_entry.id   6F6S
#
_cell.length_a   114.379
_cell.length_b   114.379
_cell.length_c   305.749
_cell.angle_alpha   90.00
_cell.angle_beta   90.00
_cell.angle_gamma   120.00
#
_symmetry.space_group_name_H-M   'H 3 2'
#
loop_
_entity.id
_entity.type
_entity.pdbx_description
1 polymer 'Envelope glycoprotein,Envelope glycoprotein,GP1'
2 polymer 'Envelope glycoprotein'
3 non-polymer 2-acetamido-2-deoxy-beta-D-glucopyranose
4 non-polymer GLYCEROL
5 non-polymer benztropine
6 non-polymer 'DIMETHYL SULFOXIDE'
7 water water
#
loop_
_entity_poly.entity_id
_entity_poly.type
_entity_poly.pdbx_seq_one_letter_code
_entity_poly.pdbx_strand_id
1 'polypeptide(L)'
;ETGRSIPLGVIHNSALQVSDVDKLVCRDKLSSTNQLRSVGLNLEGNGVATDVPSATKRWGFRSGVPPKVVNYEAGEWAEN
CYNLEIKKPDGSECLPAAPDGIRGFPRCRYVHKVSGTGPCAGDFAFHKEGAFFLYDRLASTVIYRGTTFAEGVVAFLILP
QAKKDFFSSHPLREPVNATEDPSSGYYSTTIRYQATGFGTNETEYLFEVDNLTYVQLESRFTPQFLLQLNETIYTSGKRS
NTTGKLIWKVNPEIDTTIGEWAFWETKKNLTRKIRSEELSFTVVSTHHQDTGEESASSGKLGLITNTIAGVAGLITGGRR
TRR(UNK)(UNK)(UNK)(UNK)(UNK)(UNK)
;
A
2 'polypeptide(L)'
;EAIVNAQPKCNPNLHYWTTQDEGAAIGLAWIPYFGPAAEGIYIEGLMHNQDGLICGLRQLANETTQALQLFLRATTELRT
FSILNRKAIDFLLQRWGGTCHILGPDCCIEPADWTKNITDKIDQIIHDFVDGSGYIPEAPRDGQAYVRKDGEWVLLSTFL
GTHHHHHH
;
B
#
# COMPACT_ATOMS: atom_id res chain seq x y z
N ARG A 4 -15.42 -3.11 14.10
CA ARG A 4 -15.26 -4.54 14.42
C ARG A 4 -13.82 -4.86 14.81
N SER A 5 -13.52 -6.14 15.00
CA SER A 5 -12.17 -6.57 15.30
C SER A 5 -11.36 -6.73 14.03
N ILE A 6 -10.09 -6.33 14.10
CA ILE A 6 -9.21 -6.33 12.93
C ILE A 6 -8.88 -7.76 12.52
N PRO A 7 -9.20 -8.17 11.30
CA PRO A 7 -8.96 -9.55 10.89
C PRO A 7 -7.49 -9.84 10.71
N LEU A 8 -7.17 -11.14 10.72
CA LEU A 8 -5.80 -11.63 10.69
C LEU A 8 -5.71 -12.73 9.65
N GLY A 9 -4.69 -12.66 8.80
CA GLY A 9 -4.49 -13.67 7.77
C GLY A 9 -3.62 -14.81 8.28
N VAL A 10 -4.10 -16.04 8.10
CA VAL A 10 -3.38 -17.24 8.53
C VAL A 10 -3.51 -18.29 7.46
N ILE A 11 -2.46 -19.10 7.31
CA ILE A 11 -2.39 -20.12 6.26
C ILE A 11 -2.86 -21.45 6.85
N HIS A 12 -3.93 -21.99 6.28
CA HIS A 12 -4.48 -23.28 6.69
C HIS A 12 -4.92 -24.06 5.46
N ASN A 13 -4.53 -25.32 5.39
CA ASN A 13 -4.89 -26.21 4.28
C ASN A 13 -4.41 -25.66 2.94
N SER A 14 -3.19 -25.13 2.93
CA SER A 14 -2.56 -24.59 1.72
C SER A 14 -3.41 -23.49 1.09
N ALA A 15 -4.00 -22.64 1.93
CA ALA A 15 -4.81 -21.53 1.45
C ALA A 15 -4.84 -20.46 2.53
N LEU A 16 -4.96 -19.21 2.09
CA LEU A 16 -5.05 -18.09 3.02
C LEU A 16 -6.48 -17.97 3.55
N GLN A 17 -6.61 -17.80 4.86
CA GLN A 17 -7.91 -17.66 5.51
C GLN A 17 -7.87 -16.48 6.46
N VAL A 18 -9.03 -15.86 6.63
CA VAL A 18 -9.19 -14.79 7.62
C VAL A 18 -9.59 -15.41 8.95
N SER A 19 -8.95 -14.96 10.01
CA SER A 19 -9.19 -15.51 11.34
C SER A 19 -8.79 -14.45 12.37
N ASP A 20 -8.62 -14.88 13.62
CA ASP A 20 -8.12 -14.00 14.67
C ASP A 20 -7.48 -14.86 15.73
N VAL A 21 -6.77 -14.21 16.66
CA VAL A 21 -6.05 -14.93 17.70
C VAL A 21 -6.98 -15.68 18.63
N ASP A 22 -8.26 -15.30 18.67
CA ASP A 22 -9.22 -15.94 19.57
C ASP A 22 -9.90 -17.15 18.94
N LYS A 23 -9.60 -17.49 17.70
CA LYS A 23 -10.19 -18.64 17.03
C LYS A 23 -9.12 -19.47 16.35
N LEU A 24 -7.96 -19.58 16.96
CA LEU A 24 -6.95 -20.56 16.57
C LEU A 24 -7.12 -21.83 17.40
N VAL A 25 -6.45 -22.89 16.97
CA VAL A 25 -6.47 -24.14 17.71
C VAL A 25 -5.10 -24.35 18.35
N CYS A 26 -5.05 -25.28 19.31
CA CYS A 26 -3.79 -25.54 20.01
C CYS A 26 -2.69 -25.97 19.05
N ARG A 27 -3.06 -26.54 17.89
CA ARG A 27 -2.06 -26.87 16.89
C ARG A 27 -1.39 -25.62 16.34
N ASP A 28 -2.11 -24.51 16.27
CA ASP A 28 -1.54 -23.25 15.78
C ASP A 28 -0.51 -22.74 16.78
N LYS A 29 0.70 -22.47 16.29
CA LYS A 29 1.84 -22.12 17.14
C LYS A 29 2.34 -20.74 16.76
N LEU A 30 2.23 -19.79 17.68
CA LEU A 30 2.79 -18.45 17.53
C LEU A 30 3.89 -18.32 18.57
N SER A 31 5.14 -18.56 18.16
CA SER A 31 6.27 -18.61 19.07
C SER A 31 7.13 -17.34 19.05
N SER A 32 6.77 -16.35 18.24
CA SER A 32 7.57 -15.14 18.15
C SER A 32 6.76 -14.05 17.46
N THR A 33 6.97 -12.79 17.89
CA THR A 33 6.34 -11.66 17.22
C THR A 33 6.83 -11.51 15.78
N ASN A 34 7.94 -12.15 15.43
CA ASN A 34 8.40 -12.17 14.04
C ASN A 34 7.38 -12.79 13.10
N GLN A 35 6.50 -13.65 13.61
CA GLN A 35 5.46 -14.22 12.77
C GLN A 35 4.32 -13.25 12.48
N LEU A 36 4.25 -12.13 13.21
CA LEU A 36 3.21 -11.13 12.98
C LEU A 36 3.74 -10.06 12.03
N ARG A 37 3.01 -9.82 10.94
CA ARG A 37 3.47 -8.94 9.88
C ARG A 37 2.32 -8.11 9.35
N SER A 38 2.60 -6.84 9.10
CA SER A 38 1.68 -5.93 8.43
C SER A 38 2.22 -5.63 7.04
N VAL A 39 1.37 -5.70 6.03
CA VAL A 39 1.76 -5.51 4.63
CA VAL A 39 1.77 -5.49 4.65
C VAL A 39 0.83 -4.49 3.99
N GLY A 40 1.40 -3.64 3.13
CA GLY A 40 0.63 -2.69 2.36
C GLY A 40 0.54 -3.15 0.91
N LEU A 41 -0.70 -3.28 0.43
CA LEU A 41 -0.97 -3.73 -0.92
C LEU A 41 -1.55 -2.56 -1.73
N ASN A 42 -1.07 -2.41 -2.96
CA ASN A 42 -1.44 -1.28 -3.80
C ASN A 42 -2.73 -1.57 -4.55
N LEU A 43 -3.60 -0.55 -4.64
CA LEU A 43 -4.83 -0.66 -5.41
C LEU A 43 -4.53 -1.02 -6.86
N GLU A 44 -3.35 -0.64 -7.34
CA GLU A 44 -2.89 -1.03 -8.67
C GLU A 44 -3.08 -2.51 -8.94
N GLY A 45 -2.71 -3.36 -7.98
CA GLY A 45 -2.79 -4.79 -8.12
C GLY A 45 -4.19 -5.35 -8.26
N ASN A 46 -5.22 -4.55 -7.96
CA ASN A 46 -6.60 -4.98 -8.11
C ASN A 46 -7.22 -4.57 -9.44
N GLY A 47 -6.48 -3.83 -10.27
CA GLY A 47 -6.96 -3.47 -11.59
C GLY A 47 -7.61 -2.11 -11.71
N VAL A 48 -7.31 -1.19 -10.81
CA VAL A 48 -7.92 0.14 -10.86
C VAL A 48 -7.21 0.96 -11.93
N ALA A 49 -7.96 1.88 -12.54
CA ALA A 49 -7.36 2.80 -13.50
C ALA A 49 -6.39 3.73 -12.77
N THR A 50 -5.18 3.88 -13.31
CA THR A 50 -4.11 4.59 -12.64
C THR A 50 -3.80 5.95 -13.23
N ASP A 51 -4.42 6.31 -14.34
CA ASP A 51 -4.17 7.63 -14.93
C ASP A 51 -4.61 8.72 -13.97
N VAL A 52 -3.98 9.90 -14.11
CA VAL A 52 -4.26 11.01 -13.19
C VAL A 52 -5.74 11.40 -13.19
N PRO A 53 -6.42 11.55 -14.34
CA PRO A 53 -7.85 11.87 -14.26
C PRO A 53 -8.67 10.84 -13.50
N SER A 54 -8.44 9.55 -13.74
CA SER A 54 -9.20 8.52 -13.05
C SER A 54 -8.83 8.46 -11.57
N ALA A 55 -7.54 8.55 -11.25
CA ALA A 55 -7.10 8.40 -9.87
C ALA A 55 -7.60 9.54 -8.98
N THR A 56 -7.54 10.78 -9.48
CA THR A 56 -7.92 11.91 -8.65
C THR A 56 -9.41 11.92 -8.36
N LYS A 57 -10.22 11.30 -9.22
CA LYS A 57 -11.66 11.22 -8.97
C LYS A 57 -11.98 10.41 -7.72
N ARG A 58 -11.05 9.60 -7.23
CA ARG A 58 -11.26 8.79 -6.04
C ARG A 58 -10.96 9.54 -4.74
N TRP A 59 -10.54 10.79 -4.82
CA TRP A 59 -10.16 11.57 -3.65
C TRP A 59 -11.09 12.77 -3.52
N GLY A 60 -11.28 13.24 -2.28
CA GLY A 60 -12.16 14.35 -2.03
C GLY A 60 -11.89 15.01 -0.71
N PHE A 61 -12.33 16.26 -0.58
CA PHE A 61 -12.08 17.07 0.59
C PHE A 61 -13.27 17.02 1.55
N ARG A 62 -12.96 16.91 2.84
CA ARG A 62 -13.97 16.80 3.89
C ARG A 62 -13.43 17.46 5.15
N SER A 63 -14.33 18.09 5.91
CA SER A 63 -13.99 18.70 7.18
C SER A 63 -14.70 17.97 8.31
N GLY A 64 -14.17 18.13 9.53
CA GLY A 64 -14.74 17.52 10.71
C GLY A 64 -14.24 16.15 11.04
N VAL A 65 -13.34 15.57 10.23
CA VAL A 65 -12.81 14.24 10.50
C VAL A 65 -11.29 14.35 10.69
N PRO A 66 -10.77 14.09 11.89
CA PRO A 66 -9.33 14.18 12.08
C PRO A 66 -8.61 13.10 11.28
N PRO A 67 -7.41 13.40 10.78
CA PRO A 67 -6.64 12.36 10.08
C PRO A 67 -6.14 11.29 11.03
N LYS A 68 -5.94 10.09 10.49
CA LYS A 68 -5.45 8.96 11.27
C LYS A 68 -4.37 8.24 10.48
N VAL A 69 -3.50 7.55 11.22
CA VAL A 69 -2.27 6.99 10.66
C VAL A 69 -2.01 5.63 11.30
N VAL A 70 -1.55 4.68 10.49
CA VAL A 70 -1.21 3.34 10.97
C VAL A 70 0.08 2.88 10.30
N ASN A 71 0.91 2.15 11.05
CA ASN A 71 2.17 1.64 10.55
C ASN A 71 1.95 0.40 9.69
N TYR A 72 2.87 0.16 8.76
CA TYR A 72 2.96 -1.12 8.07
C TYR A 72 4.42 -1.36 7.71
N GLU A 73 4.80 -2.63 7.68
CA GLU A 73 6.21 -2.99 7.64
C GLU A 73 6.73 -3.23 6.23
N ALA A 74 5.95 -3.89 5.37
CA ALA A 74 6.37 -4.22 4.03
C ALA A 74 5.35 -3.69 3.03
N GLY A 75 5.84 -3.30 1.85
CA GLY A 75 5.00 -2.73 0.82
C GLY A 75 5.35 -3.30 -0.55
N GLU A 76 4.57 -2.89 -1.53
CA GLU A 76 4.66 -3.41 -2.90
C GLU A 76 5.23 -2.34 -3.82
N TRP A 77 6.11 -2.76 -4.73
CA TRP A 77 6.62 -1.84 -5.75
C TRP A 77 5.47 -1.33 -6.60
N ALA A 78 5.37 -0.01 -6.72
CA ALA A 78 4.27 0.62 -7.45
C ALA A 78 4.75 1.13 -8.80
N GLU A 79 3.90 0.99 -9.80
CA GLU A 79 4.16 1.60 -11.10
C GLU A 79 3.73 3.06 -11.11
N ASN A 80 2.63 3.38 -10.42
CA ASN A 80 2.07 4.72 -10.40
C ASN A 80 1.98 5.22 -8.97
N CYS A 81 2.61 6.35 -8.70
CA CYS A 81 2.46 7.09 -7.46
C CYS A 81 2.01 8.51 -7.79
N TYR A 82 1.67 9.26 -6.74
CA TYR A 82 1.15 10.60 -6.94
C TYR A 82 1.73 11.55 -5.90
N ASN A 83 1.94 12.80 -6.33
CA ASN A 83 2.55 13.84 -5.50
C ASN A 83 1.84 15.14 -5.84
N LEU A 84 1.08 15.68 -4.89
CA LEU A 84 0.15 16.77 -5.16
C LEU A 84 0.65 18.08 -4.55
N GLU A 85 0.58 19.15 -5.34
CA GLU A 85 0.85 20.52 -4.91
C GLU A 85 -0.31 21.37 -5.39
N ILE A 86 -1.39 21.42 -4.60
CA ILE A 86 -2.61 22.10 -4.97
C ILE A 86 -2.78 23.33 -4.08
N LYS A 87 -3.20 24.44 -4.69
CA LYS A 87 -3.48 25.68 -3.98
C LYS A 87 -4.90 26.14 -4.30
N LYS A 88 -5.42 27.01 -3.45
CA LYS A 88 -6.67 27.68 -3.76
C LYS A 88 -6.41 28.90 -4.63
N PRO A 89 -7.43 29.38 -5.36
CA PRO A 89 -7.22 30.57 -6.21
C PRO A 89 -6.65 31.76 -5.48
N ASP A 90 -6.86 31.86 -4.17
CA ASP A 90 -6.27 32.94 -3.39
C ASP A 90 -4.81 32.70 -3.03
N GLY A 91 -4.25 31.54 -3.40
CA GLY A 91 -2.85 31.26 -3.20
C GLY A 91 -2.52 30.40 -1.98
N SER A 92 -3.48 30.17 -1.09
CA SER A 92 -3.23 29.40 0.11
C SER A 92 -3.17 27.90 -0.23
N GLU A 93 -2.47 27.16 0.62
CA GLU A 93 -2.27 25.74 0.38
C GLU A 93 -3.53 24.95 0.69
N CYS A 94 -3.82 23.95 -0.13
CA CYS A 94 -4.96 23.08 0.08
C CYS A 94 -4.65 21.89 0.98
N LEU A 95 -3.39 21.43 0.96
CA LEU A 95 -3.01 20.22 1.67
C LEU A 95 -2.01 20.55 2.78
N PRO A 96 -2.06 19.84 3.89
CA PRO A 96 -1.12 20.11 4.98
C PRO A 96 0.25 19.55 4.68
N ALA A 97 1.26 20.21 5.26
CA ALA A 97 2.62 19.70 5.18
C ALA A 97 2.71 18.33 5.83
N ALA A 98 3.58 17.49 5.28
CA ALA A 98 3.73 16.15 5.82
C ALA A 98 4.26 16.21 7.25
N PRO A 99 3.66 15.50 8.20
CA PRO A 99 4.19 15.49 9.57
C PRO A 99 5.63 14.99 9.60
N ASP A 100 6.29 15.28 10.73
CA ASP A 100 7.68 14.90 10.89
C ASP A 100 7.85 13.39 10.77
N GLY A 101 8.76 12.97 9.89
CA GLY A 101 9.08 11.57 9.72
C GLY A 101 8.22 10.83 8.73
N ILE A 102 7.37 11.52 7.97
CA ILE A 102 6.58 10.89 6.93
C ILE A 102 7.25 11.18 5.60
N ARG A 103 7.91 10.17 5.03
CA ARG A 103 8.56 10.27 3.75
C ARG A 103 7.68 9.65 2.67
N GLY A 104 8.02 9.95 1.41
CA GLY A 104 7.24 9.46 0.30
C GLY A 104 7.33 7.96 0.16
N PHE A 105 6.39 7.41 -0.60
CA PHE A 105 6.38 5.98 -0.89
C PHE A 105 7.70 5.60 -1.56
N PRO A 106 8.37 4.54 -1.10
CA PRO A 106 9.79 4.35 -1.47
C PRO A 106 10.04 3.73 -2.84
N ARG A 107 9.04 3.11 -3.47
CA ARG A 107 9.26 2.41 -4.74
C ARG A 107 8.16 2.82 -5.73
N CYS A 108 8.52 3.72 -6.65
CA CYS A 108 7.58 4.22 -7.65
C CYS A 108 8.28 4.24 -9.01
N ARG A 109 7.69 3.56 -9.99
CA ARG A 109 8.23 3.64 -11.35
C ARG A 109 7.90 4.99 -11.98
N TYR A 110 6.68 5.48 -11.77
CA TYR A 110 6.26 6.78 -12.28
C TYR A 110 5.62 7.55 -11.15
N VAL A 111 6.16 8.73 -10.85
CA VAL A 111 5.58 9.65 -9.87
C VAL A 111 4.83 10.72 -10.65
N HIS A 112 3.51 10.73 -10.53
CA HIS A 112 2.68 11.72 -11.22
C HIS A 112 2.54 12.94 -10.32
N LYS A 113 3.40 13.94 -10.56
CA LYS A 113 3.39 15.17 -9.79
C LYS A 113 2.36 16.13 -10.38
N VAL A 114 1.37 16.51 -9.59
CA VAL A 114 0.26 17.34 -10.05
C VAL A 114 0.29 18.65 -9.28
N SER A 115 0.52 19.75 -10.00
CA SER A 115 0.41 21.09 -9.46
C SER A 115 -0.80 21.78 -10.07
N GLY A 116 -1.41 22.69 -9.32
CA GLY A 116 -2.53 23.43 -9.87
C GLY A 116 -3.40 23.99 -8.77
N THR A 117 -4.64 24.33 -9.16
CA THR A 117 -5.56 25.04 -8.29
C THR A 117 -6.90 24.31 -8.21
N GLY A 118 -7.69 24.71 -7.22
CA GLY A 118 -9.01 24.17 -7.00
C GLY A 118 -9.66 24.82 -5.80
N PRO A 119 -10.97 24.67 -5.64
CA PRO A 119 -11.63 25.27 -4.47
C PRO A 119 -11.24 24.61 -3.17
N CYS A 120 -11.05 23.29 -3.18
CA CYS A 120 -10.63 22.53 -2.00
C CYS A 120 -11.58 22.75 -0.83
N ALA A 121 -12.85 22.44 -1.08
CA ALA A 121 -13.90 22.66 -0.08
C ALA A 121 -13.82 21.58 1.00
N GLY A 122 -12.78 21.70 1.83
CA GLY A 122 -12.57 20.75 2.91
C GLY A 122 -11.19 20.86 3.53
N ASP A 123 -11.09 20.52 4.82
CA ASP A 123 -9.81 20.66 5.51
C ASP A 123 -8.80 19.63 5.06
N PHE A 124 -9.24 18.39 4.84
CA PHE A 124 -8.36 17.29 4.45
C PHE A 124 -8.93 16.56 3.26
N ALA A 125 -8.03 15.97 2.47
CA ALA A 125 -8.41 15.17 1.30
C ALA A 125 -8.40 13.70 1.71
N PHE A 126 -9.55 13.05 1.59
CA PHE A 126 -9.72 11.65 1.96
C PHE A 126 -9.90 10.80 0.70
N HIS A 127 -9.76 9.49 0.88
CA HIS A 127 -10.04 8.52 -0.19
C HIS A 127 -11.54 8.21 -0.16
N LYS A 128 -12.22 8.47 -1.27
CA LYS A 128 -13.66 8.31 -1.32
C LYS A 128 -14.11 6.86 -1.16
N GLU A 129 -13.25 5.90 -1.50
CA GLU A 129 -13.59 4.49 -1.40
C GLU A 129 -13.07 3.86 -0.10
N GLY A 130 -12.58 4.68 0.83
CA GLY A 130 -12.12 4.19 2.11
C GLY A 130 -10.71 3.66 2.14
N ALA A 131 -10.00 3.66 1.00
CA ALA A 131 -8.63 3.17 0.96
C ALA A 131 -7.69 4.12 1.71
N PHE A 132 -6.43 3.74 1.81
CA PHE A 132 -5.41 4.53 2.46
C PHE A 132 -4.46 5.13 1.43
N PHE A 133 -3.74 6.16 1.86
CA PHE A 133 -2.64 6.71 1.09
C PHE A 133 -1.35 6.20 1.71
N LEU A 134 -0.59 5.43 0.93
CA LEU A 134 0.58 4.71 1.43
C LEU A 134 1.83 5.58 1.25
N TYR A 135 2.44 5.92 2.37
CA TYR A 135 3.72 6.60 2.39
C TYR A 135 4.81 5.59 2.81
N ASP A 136 5.97 6.09 3.22
CA ASP A 136 7.09 5.22 3.59
C ASP A 136 6.76 4.49 4.89
N ARG A 137 6.31 3.25 4.77
CA ARG A 137 5.96 2.40 5.91
C ARG A 137 4.91 3.05 6.80
N LEU A 138 4.09 3.93 6.23
CA LEU A 138 3.04 4.60 6.98
C LEU A 138 1.84 4.82 6.08
N ALA A 139 0.67 4.40 6.55
CA ALA A 139 -0.58 4.56 5.82
C ALA A 139 -1.40 5.64 6.51
N SER A 140 -1.94 6.56 5.73
CA SER A 140 -2.74 7.66 6.25
C SER A 140 -4.10 7.70 5.56
N THR A 141 -5.06 8.33 6.24
CA THR A 141 -6.37 8.55 5.66
C THR A 141 -6.43 9.80 4.80
N VAL A 142 -5.41 10.66 4.86
CA VAL A 142 -5.43 11.93 4.16
C VAL A 142 -4.17 12.09 3.32
N ILE A 143 -4.23 13.02 2.38
CA ILE A 143 -3.12 13.33 1.48
C ILE A 143 -2.29 14.46 2.10
N TYR A 144 -0.97 14.31 2.05
CA TYR A 144 -0.06 15.34 2.51
C TYR A 144 0.57 16.07 1.33
N ARG A 145 0.87 17.35 1.53
CA ARG A 145 1.35 18.20 0.45
C ARG A 145 2.72 17.74 -0.03
N GLY A 146 2.86 17.63 -1.35
CA GLY A 146 4.15 17.36 -1.95
C GLY A 146 4.81 16.07 -1.49
N THR A 147 4.02 15.09 -1.06
CA THR A 147 4.55 13.83 -0.53
C THR A 147 4.04 12.69 -1.40
N THR A 148 4.99 11.95 -1.99
CA THR A 148 4.65 10.87 -2.91
C THR A 148 3.94 9.75 -2.18
N PHE A 149 2.80 9.30 -2.73
CA PHE A 149 2.02 8.24 -2.13
C PHE A 149 1.51 7.29 -3.19
N ALA A 150 1.21 6.08 -2.76
CA ALA A 150 0.46 5.11 -3.55
C ALA A 150 -0.84 4.79 -2.84
N GLU A 151 -1.91 4.66 -3.59
CA GLU A 151 -3.18 4.22 -3.01
C GLU A 151 -3.07 2.73 -2.65
N GLY A 152 -3.61 2.36 -1.51
CA GLY A 152 -3.51 0.96 -1.11
C GLY A 152 -4.26 0.68 0.18
N VAL A 153 -4.09 -0.56 0.64
CA VAL A 153 -4.76 -1.08 1.82
C VAL A 153 -3.78 -1.96 2.59
N VAL A 154 -4.11 -2.21 3.86
CA VAL A 154 -3.20 -2.88 4.78
C VAL A 154 -3.81 -4.21 5.20
N ALA A 155 -2.96 -5.24 5.27
CA ALA A 155 -3.34 -6.54 5.78
C ALA A 155 -2.40 -6.93 6.92
N PHE A 156 -2.92 -7.73 7.84
CA PHE A 156 -2.16 -8.21 8.99
C PHE A 156 -2.12 -9.74 8.94
N LEU A 157 -0.93 -10.31 9.11
CA LEU A 157 -0.69 -11.72 8.86
C LEU A 157 -0.06 -12.39 10.06
N ILE A 158 -0.34 -13.69 10.20
CA ILE A 158 0.42 -14.59 11.08
C ILE A 158 1.17 -15.55 10.16
N LEU A 159 2.48 -15.39 10.09
CA LEU A 159 3.26 -16.32 9.29
C LEU A 159 3.44 -17.65 10.04
N PRO A 160 3.57 -18.76 9.31
CA PRO A 160 3.86 -20.02 9.99
C PRO A 160 5.28 -20.04 10.52
N GLN A 161 5.48 -20.82 11.58
CA GLN A 161 6.80 -20.93 12.21
C GLN A 161 7.80 -21.61 11.28
N SER A 184 16.88 -6.11 -11.61
CA SER A 184 15.97 -5.61 -10.58
C SER A 184 16.39 -4.24 -10.05
N GLY A 185 16.94 -3.42 -10.93
CA GLY A 185 17.29 -2.07 -10.56
C GLY A 185 16.07 -1.19 -10.34
N TYR A 186 16.26 -0.10 -9.62
CA TYR A 186 15.18 0.82 -9.28
C TYR A 186 15.36 2.11 -10.06
N TYR A 187 14.35 2.44 -10.87
CA TYR A 187 14.30 3.69 -11.61
C TYR A 187 12.98 4.38 -11.35
N SER A 188 13.02 5.69 -11.18
CA SER A 188 11.82 6.49 -10.95
C SER A 188 11.80 7.66 -11.92
N THR A 189 10.63 7.91 -12.50
CA THR A 189 10.46 9.00 -13.46
C THR A 189 9.31 9.89 -13.01
N THR A 190 9.57 11.19 -12.93
CA THR A 190 8.57 12.16 -12.49
C THR A 190 7.85 12.71 -13.72
N ILE A 191 6.52 12.59 -13.71
CA ILE A 191 5.67 13.10 -14.78
C ILE A 191 4.85 14.24 -14.20
N ARG A 192 5.09 15.46 -14.71
CA ARG A 192 4.52 16.66 -14.13
C ARG A 192 3.25 17.07 -14.87
N TYR A 193 2.24 17.50 -14.11
CA TYR A 193 0.96 17.94 -14.64
C TYR A 193 0.59 19.29 -14.05
N GLN A 194 -0.26 20.02 -14.77
CA GLN A 194 -0.91 21.21 -14.27
C GLN A 194 -2.42 20.95 -14.24
N ALA A 195 -3.09 21.47 -13.21
CA ALA A 195 -4.49 21.17 -12.98
C ALA A 195 -5.27 22.43 -12.64
N THR A 196 -6.49 22.53 -13.17
CA THR A 196 -7.42 23.57 -12.79
C THR A 196 -8.74 22.92 -12.37
N GLY A 197 -9.43 23.56 -11.43
CA GLY A 197 -10.67 22.99 -10.91
C GLY A 197 -10.48 21.66 -10.23
N PHE A 198 -9.39 21.51 -9.48
CA PHE A 198 -9.10 20.26 -8.80
C PHE A 198 -10.14 19.99 -7.71
N GLY A 199 -10.65 18.77 -7.66
CA GLY A 199 -11.66 18.40 -6.69
C GLY A 199 -13.06 18.44 -7.26
N THR A 200 -13.36 19.45 -8.07
CA THR A 200 -14.68 19.59 -8.66
C THR A 200 -14.89 18.51 -9.73
N ASN A 201 -16.07 18.51 -10.32
CA ASN A 201 -16.38 17.66 -11.45
C ASN A 201 -16.13 18.36 -12.79
N GLU A 202 -15.28 19.37 -12.80
CA GLU A 202 -14.88 20.11 -13.99
C GLU A 202 -13.37 20.32 -14.01
N THR A 203 -12.64 19.26 -13.67
CA THR A 203 -11.19 19.36 -13.55
C THR A 203 -10.52 19.19 -14.91
N GLU A 204 -9.51 20.01 -15.16
CA GLU A 204 -8.75 19.97 -16.41
C GLU A 204 -7.29 19.72 -16.10
N TYR A 205 -6.65 18.87 -16.92
CA TYR A 205 -5.27 18.48 -16.71
C TYR A 205 -4.44 18.73 -17.96
N LEU A 206 -3.20 19.15 -17.75
CA LEU A 206 -2.23 19.36 -18.82
C LEU A 206 -0.94 18.64 -18.47
N PHE A 207 -0.41 17.88 -19.43
CA PHE A 207 0.91 17.26 -19.26
C PHE A 207 2.00 18.24 -19.64
N GLU A 208 2.95 18.44 -18.75
CA GLU A 208 3.96 19.48 -18.90
C GLU A 208 5.18 18.91 -19.62
N VAL A 209 5.46 19.41 -20.82
CA VAL A 209 6.68 19.03 -21.52
C VAL A 209 7.84 19.92 -21.07
N ASP A 210 7.64 21.23 -21.10
CA ASP A 210 8.51 22.18 -20.41
C ASP A 210 7.62 23.26 -19.82
N ASN A 211 8.24 24.31 -19.29
CA ASN A 211 7.49 25.36 -18.61
C ASN A 211 6.61 26.17 -19.55
N LEU A 212 6.69 25.95 -20.87
CA LEU A 212 5.87 26.67 -21.83
C LEU A 212 5.24 25.78 -22.88
N THR A 213 5.43 24.46 -22.81
CA THR A 213 4.84 23.52 -23.75
C THR A 213 4.05 22.48 -22.99
N TYR A 214 2.78 22.32 -23.33
CA TYR A 214 1.89 21.43 -22.60
C TYR A 214 1.08 20.60 -23.59
N VAL A 215 0.60 19.45 -23.12
CA VAL A 215 -0.28 18.57 -23.87
C VAL A 215 -1.56 18.38 -23.08
N GLN A 216 -2.69 18.60 -23.73
CA GLN A 216 -3.98 18.36 -23.08
C GLN A 216 -4.13 16.88 -22.77
N LEU A 217 -4.34 16.57 -21.50
CA LEU A 217 -4.28 15.19 -21.03
C LEU A 217 -5.65 14.52 -21.11
N GLU A 218 -5.62 13.22 -21.40
CA GLU A 218 -6.81 12.39 -21.41
C GLU A 218 -6.52 11.10 -20.67
N SER A 219 -7.59 10.40 -20.29
CA SER A 219 -7.45 9.22 -19.43
C SER A 219 -6.68 8.10 -20.11
N ARG A 220 -6.76 8.01 -21.44
CA ARG A 220 -6.18 6.87 -22.14
C ARG A 220 -4.67 6.96 -22.29
N PHE A 221 -4.07 8.12 -22.01
CA PHE A 221 -2.62 8.27 -22.13
C PHE A 221 -1.93 7.50 -21.02
N THR A 222 -1.11 6.52 -21.40
CA THR A 222 -0.33 5.76 -20.44
C THR A 222 0.95 6.51 -20.09
N PRO A 223 1.61 6.14 -18.98
CA PRO A 223 2.91 6.77 -18.68
C PRO A 223 3.94 6.57 -19.79
N GLN A 224 3.96 5.40 -20.42
CA GLN A 224 4.89 5.14 -21.50
C GLN A 224 4.58 6.02 -22.71
N PHE A 225 3.30 6.24 -23.00
CA PHE A 225 2.93 7.11 -24.11
C PHE A 225 3.29 8.55 -23.81
N LEU A 226 3.15 8.98 -22.55
CA LEU A 226 3.49 10.35 -22.18
C LEU A 226 4.99 10.59 -22.30
N LEU A 227 5.81 9.61 -21.94
CA LEU A 227 7.25 9.78 -22.03
C LEU A 227 7.73 9.77 -23.47
N GLN A 228 7.09 8.98 -24.33
CA GLN A 228 7.46 8.98 -25.75
C GLN A 228 6.95 10.24 -26.45
N LEU A 229 5.77 10.71 -26.07
CA LEU A 229 5.29 11.99 -26.61
C LEU A 229 6.22 13.13 -26.19
N ASN A 230 6.77 13.05 -24.98
CA ASN A 230 7.73 14.06 -24.53
C ASN A 230 9.03 13.97 -25.31
N GLU A 231 9.52 12.76 -25.55
CA GLU A 231 10.75 12.59 -26.33
C GLU A 231 10.55 12.99 -27.78
N THR A 232 9.36 12.75 -28.34
CA THR A 232 9.09 13.15 -29.72
C THR A 232 9.03 14.66 -29.85
N ILE A 233 8.39 15.34 -28.90
CA ILE A 233 8.24 16.79 -28.99
C ILE A 233 9.61 17.48 -28.89
N TYR A 234 10.48 16.98 -28.01
CA TYR A 234 11.81 17.57 -27.87
C TYR A 234 12.64 17.41 -29.13
N THR A 235 12.77 16.16 -29.62
CA THR A 235 13.65 15.90 -30.75
C THR A 235 13.13 16.51 -32.04
N SER A 236 11.81 16.62 -32.19
CA SER A 236 11.21 17.19 -33.39
C SER A 236 11.10 18.71 -33.33
N GLY A 237 11.64 19.33 -32.28
CA GLY A 237 11.56 20.78 -32.15
C GLY A 237 10.16 21.32 -31.96
N LYS A 238 9.25 20.51 -31.45
CA LYS A 238 7.86 20.93 -31.26
C LYS A 238 7.64 21.68 -29.96
N ARG A 239 8.70 21.98 -29.23
CA ARG A 239 8.59 22.84 -28.06
C ARG A 239 8.33 24.28 -28.48
N SER A 240 7.70 25.04 -27.58
CA SER A 240 7.49 26.46 -27.84
C SER A 240 8.82 27.20 -27.92
N ASN A 241 9.00 27.98 -28.99
CA ASN A 241 10.20 28.79 -29.18
C ASN A 241 9.89 30.27 -29.02
N THR A 242 8.95 30.61 -28.16
CA THR A 242 8.65 32.01 -27.87
C THR A 242 8.57 32.18 -26.36
N THR A 243 7.88 33.25 -25.92
CA THR A 243 7.62 33.48 -24.51
C THR A 243 6.23 33.04 -24.09
N GLY A 244 5.36 32.68 -25.04
CA GLY A 244 4.00 32.32 -24.74
C GLY A 244 3.80 30.83 -24.51
N LYS A 245 2.57 30.49 -24.11
CA LYS A 245 2.21 29.13 -23.74
C LYS A 245 1.65 28.39 -24.95
N LEU A 246 2.20 27.21 -25.21
CA LEU A 246 1.80 26.37 -26.35
C LEU A 246 1.23 25.06 -25.83
N ILE A 247 0.01 24.74 -26.22
CA ILE A 247 -0.68 23.54 -25.77
C ILE A 247 -0.99 22.68 -26.98
N TRP A 248 -0.49 21.45 -26.98
CA TRP A 248 -0.77 20.49 -28.04
C TRP A 248 -1.96 19.63 -27.67
N LYS A 249 -2.72 19.24 -28.70
CA LYS A 249 -3.81 18.28 -28.55
C LYS A 249 -3.52 17.06 -29.40
N VAL A 250 -3.68 15.88 -28.82
CA VAL A 250 -3.52 14.64 -29.57
C VAL A 250 -4.85 14.32 -30.25
N ASN A 251 -4.81 14.05 -31.55
CA ASN A 251 -6.03 13.72 -32.25
C ASN A 251 -6.48 12.32 -31.85
N PRO A 252 -7.79 12.08 -31.77
CA PRO A 252 -8.29 10.78 -31.27
C PRO A 252 -7.85 9.59 -32.12
N GLU A 253 -7.33 9.81 -33.33
CA GLU A 253 -6.92 8.70 -34.18
C GLU A 253 -5.66 8.00 -33.70
N ILE A 254 -4.96 8.57 -32.71
CA ILE A 254 -3.72 8.00 -32.18
C ILE A 254 -4.05 7.22 -30.92
N ASP A 255 -3.61 5.96 -30.86
CA ASP A 255 -3.85 5.13 -29.70
C ASP A 255 -2.87 3.95 -29.73
N THR A 256 -2.61 3.41 -28.55
CA THR A 256 -1.75 2.23 -28.41
C THR A 256 -1.91 1.61 -27.04
N TRP A 261 -5.09 -3.24 -21.00
CA TRP A 261 -4.64 -4.25 -20.03
C TRP A 261 -4.03 -3.59 -18.80
N ALA A 262 -3.67 -4.41 -17.82
CA ALA A 262 -2.99 -3.92 -16.63
C ALA A 262 -1.49 -3.79 -16.90
N PHE A 263 -0.80 -3.09 -15.99
CA PHE A 263 0.62 -2.81 -16.22
C PHE A 263 1.47 -4.08 -16.16
N TRP A 264 1.01 -5.10 -15.43
CA TRP A 264 1.83 -6.27 -15.18
C TRP A 264 1.66 -7.37 -16.23
N GLU A 265 0.61 -7.32 -17.05
CA GLU A 265 0.28 -8.39 -17.96
C GLU A 265 0.62 -8.08 -19.42
N THR A 266 1.10 -6.88 -19.72
CA THR A 266 1.45 -6.52 -21.10
C THR A 266 2.65 -7.33 -21.59
N GLU A 278 5.94 8.81 -37.42
CA GLU A 278 4.83 9.12 -38.31
C GLU A 278 3.84 10.08 -37.65
N LEU A 279 4.35 11.14 -37.04
CA LEU A 279 3.54 12.14 -36.37
C LEU A 279 3.70 13.48 -37.06
N SER A 280 2.58 14.17 -37.28
CA SER A 280 2.57 15.47 -37.92
C SER A 280 2.11 16.53 -36.91
N PHE A 281 2.86 17.62 -36.83
CA PHE A 281 2.57 18.70 -35.90
C PHE A 281 2.33 19.99 -36.69
N THR A 282 1.18 20.61 -36.44
CA THR A 282 0.82 21.87 -37.08
C THR A 282 0.02 22.71 -36.10
N VAL A 283 0.36 24.00 -36.02
CA VAL A 283 -0.22 24.91 -35.05
C VAL A 283 -1.52 25.48 -35.61
N VAL A 284 -2.51 25.64 -34.73
CA VAL A 284 -3.80 26.20 -35.10
C VAL A 284 -3.95 27.61 -34.53
N UNK A 324 -2.51 29.19 -26.82
CA UNK A 324 -2.28 28.88 -28.23
C UNK A 324 -2.37 27.37 -28.47
N UNK A 325 -3.48 26.93 -29.04
CA UNK A 325 -3.72 25.51 -29.27
C UNK A 325 -2.97 25.03 -30.50
N UNK A 326 -2.99 23.71 -30.69
CA UNK A 326 -2.37 23.04 -31.82
C UNK A 326 -2.86 21.60 -31.84
N UNK A 327 -2.43 20.85 -32.85
CA UNK A 327 -2.84 19.46 -33.01
C UNK A 327 -1.64 18.60 -33.40
N UNK A 328 -1.57 17.41 -32.83
CA UNK A 328 -0.50 16.45 -33.11
C UNK A 328 -1.13 15.22 -33.76
N UNK A 329 -1.02 15.13 -35.08
CA UNK A 329 -1.60 14.01 -35.82
C UNK A 329 -0.54 12.96 -36.14
N GLU B 1 -13.24 -17.76 8.25
CA GLU B 1 -13.75 -18.06 6.92
C GLU B 1 -12.64 -17.97 5.87
N ALA B 2 -12.95 -18.39 4.65
CA ALA B 2 -11.99 -18.34 3.57
C ALA B 2 -11.99 -16.96 2.91
N ILE B 3 -11.01 -16.75 2.02
CA ILE B 3 -10.80 -15.47 1.34
C ILE B 3 -11.20 -15.65 -0.12
N VAL B 4 -12.18 -14.87 -0.56
CA VAL B 4 -12.67 -14.92 -1.93
C VAL B 4 -12.31 -13.62 -2.61
N ASN B 5 -11.32 -13.65 -3.48
CA ASN B 5 -10.92 -12.47 -4.23
C ASN B 5 -12.06 -12.05 -5.16
N ALA B 6 -12.62 -10.87 -4.90
CA ALA B 6 -13.70 -10.33 -5.71
C ALA B 6 -13.27 -9.03 -6.41
N GLN B 7 -11.99 -8.89 -6.67
CA GLN B 7 -11.46 -7.70 -7.32
C GLN B 7 -11.55 -7.83 -8.84
N PRO B 8 -11.59 -6.70 -9.54
CA PRO B 8 -11.64 -6.78 -11.02
C PRO B 8 -10.45 -7.53 -11.61
N LYS B 9 -9.27 -7.37 -11.04
CA LYS B 9 -8.09 -8.07 -11.50
C LYS B 9 -7.25 -8.47 -10.29
N CYS B 10 -6.30 -9.38 -10.52
CA CYS B 10 -5.30 -9.71 -9.52
C CYS B 10 -3.93 -9.77 -10.18
N ASN B 11 -2.99 -9.00 -9.66
CA ASN B 11 -1.59 -9.17 -10.02
C ASN B 11 -1.05 -10.33 -9.21
N PRO B 12 -0.79 -11.49 -9.84
CA PRO B 12 -0.44 -12.68 -9.06
C PRO B 12 0.95 -12.65 -8.46
N ASN B 13 1.77 -11.66 -8.79
CA ASN B 13 3.13 -11.56 -8.28
C ASN B 13 3.25 -10.36 -7.36
N LEU B 14 3.94 -10.55 -6.23
CA LEU B 14 4.17 -9.49 -5.26
C LEU B 14 5.64 -9.12 -5.29
N HIS B 15 5.96 -8.04 -6.00
CA HIS B 15 7.29 -7.45 -5.98
C HIS B 15 7.32 -6.48 -4.81
N TYR B 16 7.94 -6.89 -3.71
CA TYR B 16 7.81 -6.17 -2.46
C TYR B 16 9.14 -5.59 -1.99
N TRP B 17 9.03 -4.62 -1.09
CA TRP B 17 10.16 -4.01 -0.40
C TRP B 17 9.91 -4.05 1.09
N THR B 18 10.99 -4.10 1.86
CA THR B 18 10.90 -4.07 3.31
C THR B 18 12.26 -3.65 3.87
N THR B 19 12.34 -3.57 5.20
CA THR B 19 13.55 -3.15 5.89
C THR B 19 13.96 -4.17 6.95
N GLN B 20 13.83 -5.46 6.62
CA GLN B 20 14.21 -6.53 7.56
C GLN B 20 15.57 -7.10 7.22
N ASP B 21 16.51 -6.25 6.84
CA ASP B 21 17.89 -6.67 6.55
C ASP B 21 18.53 -7.21 7.83
N ALA B 24 23.94 -9.51 9.34
CA ALA B 24 25.37 -9.20 9.40
C ALA B 24 25.68 -7.95 8.57
N ALA B 25 26.04 -6.87 9.25
CA ALA B 25 26.38 -5.64 8.57
C ALA B 25 27.79 -5.72 7.98
N ILE B 26 28.07 -4.82 7.05
CA ILE B 26 29.34 -4.79 6.33
C ILE B 26 30.16 -3.65 6.92
N GLY B 27 31.10 -3.98 7.80
CA GLY B 27 32.00 -3.00 8.37
C GLY B 27 31.33 -1.98 9.26
N LEU B 28 31.42 -0.70 8.86
CA LEU B 28 30.85 0.40 9.63
C LEU B 28 29.53 0.88 9.05
N ALA B 29 28.87 0.07 8.23
CA ALA B 29 27.63 0.48 7.59
C ALA B 29 26.48 0.62 8.57
N TRP B 30 26.59 0.06 9.77
CA TRP B 30 25.55 0.19 10.78
C TRP B 30 25.58 1.55 11.46
N ILE B 31 26.71 2.25 11.44
CA ILE B 31 26.83 3.58 12.02
C ILE B 31 26.01 4.53 11.17
N PRO B 32 25.02 5.24 11.74
CA PRO B 32 24.20 6.15 10.93
C PRO B 32 25.00 7.21 10.19
N TYR B 33 26.14 7.63 10.73
CA TYR B 33 26.95 8.64 10.07
C TYR B 33 27.56 8.11 8.78
N PHE B 34 27.91 6.82 8.75
CA PHE B 34 28.53 6.21 7.58
C PHE B 34 27.56 5.39 6.74
N GLY B 35 26.38 5.06 7.26
CA GLY B 35 25.48 4.13 6.62
C GLY B 35 24.72 4.70 5.44
N PRO B 36 23.72 3.96 4.97
CA PRO B 36 22.98 4.37 3.78
C PRO B 36 22.04 5.53 4.08
N ALA B 37 21.64 6.22 3.01
CA ALA B 37 20.60 7.23 3.12
C ALA B 37 19.24 6.55 3.25
N ALA B 38 18.21 7.37 3.49
CA ALA B 38 16.87 6.82 3.68
C ALA B 38 16.39 6.03 2.48
N GLU B 39 16.88 6.38 1.27
CA GLU B 39 16.45 5.67 0.08
C GLU B 39 17.09 4.30 -0.06
N GLY B 40 18.15 4.01 0.70
CA GLY B 40 18.91 2.80 0.48
C GLY B 40 18.87 1.81 1.63
N ILE B 41 17.78 1.80 2.40
CA ILE B 41 17.64 0.88 3.52
C ILE B 41 16.71 -0.29 3.19
N TYR B 42 16.25 -0.38 1.94
CA TYR B 42 15.24 -1.35 1.55
C TYR B 42 15.85 -2.55 0.85
N ILE B 43 15.36 -3.73 1.19
CA ILE B 43 15.62 -4.95 0.44
C ILE B 43 14.37 -5.28 -0.36
N GLU B 44 14.56 -6.01 -1.45
CA GLU B 44 13.46 -6.35 -2.33
C GLU B 44 13.31 -7.87 -2.41
N GLY B 45 12.10 -8.29 -2.78
CA GLY B 45 11.82 -9.69 -2.98
C GLY B 45 10.67 -9.86 -3.95
N LEU B 46 10.51 -11.07 -4.45
CA LEU B 46 9.46 -11.40 -5.41
C LEU B 46 8.77 -12.68 -4.98
N MET B 47 7.49 -12.58 -4.65
CA MET B 47 6.67 -13.72 -4.31
C MET B 47 5.69 -14.02 -5.43
N HIS B 48 5.53 -15.30 -5.75
CA HIS B 48 4.58 -15.75 -6.73
C HIS B 48 3.32 -16.28 -6.05
N ASN B 49 2.31 -16.58 -6.86
CA ASN B 49 0.99 -16.92 -6.34
C ASN B 49 0.85 -18.39 -5.95
N GLN B 50 1.87 -18.96 -5.30
CA GLN B 50 1.74 -20.32 -4.79
C GLN B 50 0.65 -20.38 -3.73
N ASP B 51 -0.19 -21.42 -3.81
CA ASP B 51 -1.37 -21.59 -2.97
C ASP B 51 -2.33 -20.40 -3.07
N GLY B 52 -2.23 -19.61 -4.13
CA GLY B 52 -3.09 -18.45 -4.27
C GLY B 52 -2.93 -17.43 -3.18
N LEU B 53 -1.75 -17.39 -2.55
CA LEU B 53 -1.56 -16.52 -1.38
C LEU B 53 -1.56 -15.05 -1.76
N ILE B 54 -1.08 -14.72 -2.96
CA ILE B 54 -0.98 -13.32 -3.34
C ILE B 54 -2.36 -12.74 -3.63
N CYS B 55 -3.15 -13.43 -4.47
CA CYS B 55 -4.50 -12.96 -4.74
C CYS B 55 -5.37 -13.00 -3.49
N GLY B 56 -5.10 -13.96 -2.59
CA GLY B 56 -5.79 -13.96 -1.31
C GLY B 56 -5.36 -12.81 -0.43
N LEU B 57 -4.06 -12.46 -0.47
CA LEU B 57 -3.57 -11.35 0.32
C LEU B 57 -4.17 -10.03 -0.12
N ARG B 58 -4.31 -9.84 -1.44
CA ARG B 58 -4.91 -8.61 -1.95
C ARG B 58 -6.35 -8.47 -1.50
N GLN B 59 -7.11 -9.57 -1.51
CA GLN B 59 -8.48 -9.53 -1.02
C GLN B 59 -8.53 -9.36 0.49
N LEU B 60 -7.56 -9.92 1.22
CA LEU B 60 -7.54 -9.77 2.67
C LEU B 60 -7.31 -8.31 3.07
N ALA B 61 -6.33 -7.66 2.45
CA ALA B 61 -6.09 -6.25 2.74
C ALA B 61 -7.31 -5.40 2.41
N ASN B 62 -8.01 -5.75 1.33
CA ASN B 62 -9.23 -5.03 0.95
C ASN B 62 -10.30 -5.18 2.02
N GLU B 63 -10.49 -6.41 2.52
CA GLU B 63 -11.52 -6.67 3.52
C GLU B 63 -11.12 -6.21 4.92
N THR B 64 -9.83 -5.99 5.17
CA THR B 64 -9.38 -5.49 6.46
C THR B 64 -9.73 -4.03 6.68
N THR B 65 -10.04 -3.30 5.59
CA THR B 65 -10.10 -1.85 5.65
C THR B 65 -11.20 -1.34 6.58
N GLN B 66 -12.40 -1.92 6.51
CA GLN B 66 -13.51 -1.43 7.31
C GLN B 66 -13.20 -1.50 8.79
N ALA B 67 -12.82 -2.69 9.27
CA ALA B 67 -12.47 -2.84 10.68
C ALA B 67 -11.28 -1.97 11.04
N LEU B 68 -10.32 -1.82 10.12
CA LEU B 68 -9.17 -0.97 10.38
C LEU B 68 -9.57 0.50 10.48
N GLN B 69 -10.42 0.95 9.55
CA GLN B 69 -10.89 2.34 9.61
C GLN B 69 -11.71 2.60 10.87
N LEU B 70 -12.60 1.66 11.21
CA LEU B 70 -13.39 1.82 12.43
C LEU B 70 -12.51 1.81 13.68
N PHE B 71 -11.42 1.05 13.66
CA PHE B 71 -10.47 1.11 14.77
C PHE B 71 -9.78 2.45 14.85
N LEU B 72 -9.39 3.01 13.68
CA LEU B 72 -8.70 4.29 13.67
C LEU B 72 -9.62 5.43 14.05
N ARG B 73 -10.91 5.34 13.71
CA ARG B 73 -11.85 6.38 14.11
C ARG B 73 -12.02 6.42 15.62
N ALA B 74 -12.04 5.25 16.26
CA ALA B 74 -12.28 5.15 17.69
C ALA B 74 -11.03 5.44 18.53
N THR B 75 -9.85 5.45 17.94
CA THR B 75 -8.63 5.76 18.66
C THR B 75 -8.26 7.22 18.46
N THR B 76 -7.53 7.76 19.44
CA THR B 76 -6.96 9.09 19.32
C THR B 76 -5.55 8.98 18.79
N GLU B 77 -5.13 9.96 17.99
CA GLU B 77 -3.85 9.90 17.30
C GLU B 77 -2.68 9.92 18.29
N LEU B 78 -2.98 10.01 19.58
CA LEU B 78 -2.02 9.74 20.64
C LEU B 78 -2.04 8.28 21.08
N ARG B 79 -2.35 7.38 20.16
CA ARG B 79 -2.43 5.96 20.48
C ARG B 79 -1.11 5.44 21.03
N THR B 80 -1.18 4.68 22.13
CA THR B 80 0.00 4.23 22.84
C THR B 80 0.18 2.73 22.77
N PHE B 81 -0.54 2.04 21.88
CA PHE B 81 -0.37 0.60 21.73
C PHE B 81 -0.37 0.23 20.26
N SER B 82 0.35 -0.85 19.97
CA SER B 82 0.49 -1.39 18.62
C SER B 82 -0.55 -2.48 18.39
N ILE B 83 -1.01 -2.59 17.15
CA ILE B 83 -2.04 -3.56 16.81
C ILE B 83 -1.50 -4.98 16.92
N LEU B 84 -0.28 -5.22 16.42
CA LEU B 84 0.25 -6.57 16.40
C LEU B 84 0.70 -7.05 17.78
N ASN B 85 1.23 -6.15 18.61
CA ASN B 85 1.55 -6.55 19.99
C ASN B 85 0.29 -6.91 20.76
N ARG B 86 -0.79 -6.15 20.55
CA ARG B 86 -2.05 -6.46 21.23
C ARG B 86 -2.63 -7.78 20.72
N LYS B 87 -2.44 -8.10 19.44
CA LYS B 87 -2.84 -9.40 18.93
C LYS B 87 -2.04 -10.51 19.62
N ALA B 88 -0.74 -10.29 19.81
CA ALA B 88 0.09 -11.29 20.48
C ALA B 88 -0.35 -11.48 21.93
N ILE B 89 -0.69 -10.39 22.61
CA ILE B 89 -1.16 -10.50 23.99
C ILE B 89 -2.49 -11.22 24.06
N ASP B 90 -3.41 -10.89 23.14
CA ASP B 90 -4.72 -11.55 23.12
C ASP B 90 -4.59 -13.03 22.81
N PHE B 91 -3.62 -13.40 21.97
CA PHE B 91 -3.36 -14.82 21.71
C PHE B 91 -3.01 -15.56 22.99
N LEU B 92 -2.10 -14.98 23.79
CA LEU B 92 -1.70 -15.63 25.03
C LEU B 92 -2.82 -15.63 26.06
N LEU B 93 -3.61 -14.54 26.11
CA LEU B 93 -4.72 -14.48 27.05
C LEU B 93 -5.80 -15.51 26.70
N GLN B 94 -5.98 -15.81 25.42
CA GLN B 94 -6.97 -16.80 25.02
C GLN B 94 -6.60 -18.19 25.53
N ARG B 95 -5.32 -18.54 25.48
CA ARG B 95 -4.87 -19.86 25.90
C ARG B 95 -4.60 -19.94 27.40
N TRP B 96 -4.01 -18.89 27.99
CA TRP B 96 -3.48 -18.96 29.34
C TRP B 96 -4.08 -17.91 30.27
N GLY B 97 -5.14 -17.23 29.86
CA GLY B 97 -5.76 -16.24 30.72
C GLY B 97 -6.57 -16.82 31.86
N GLY B 98 -6.78 -18.12 31.89
CA GLY B 98 -7.49 -18.76 32.98
C GLY B 98 -6.86 -20.09 33.36
N THR B 99 -7.54 -20.83 34.23
CA THR B 99 -7.02 -22.13 34.64
C THR B 99 -7.06 -23.11 33.46
N CYS B 100 -5.93 -23.77 33.21
CA CYS B 100 -5.81 -24.74 32.12
C CYS B 100 -6.24 -26.11 32.64
N HIS B 101 -7.42 -26.56 32.23
CA HIS B 101 -7.93 -27.88 32.62
C HIS B 101 -7.37 -28.92 31.65
N ILE B 102 -6.52 -29.81 32.17
CA ILE B 102 -5.82 -30.76 31.32
C ILE B 102 -6.83 -31.67 30.62
N LEU B 103 -6.57 -31.96 29.35
CA LEU B 103 -7.46 -32.72 28.48
C LEU B 103 -8.74 -31.97 28.13
N GLY B 104 -8.80 -30.67 28.40
CA GLY B 104 -9.91 -29.84 27.97
C GLY B 104 -9.72 -29.33 26.57
N PRO B 105 -10.79 -28.80 25.96
CA PRO B 105 -10.67 -28.29 24.58
C PRO B 105 -9.99 -26.94 24.48
N ASP B 106 -9.96 -26.14 25.56
CA ASP B 106 -9.35 -24.82 25.55
C ASP B 106 -8.00 -24.80 26.24
N CYS B 107 -7.48 -25.95 26.65
CA CYS B 107 -6.18 -26.05 27.31
C CYS B 107 -5.19 -26.69 26.36
N CYS B 108 -4.10 -25.99 26.06
CA CYS B 108 -3.09 -26.46 25.12
C CYS B 108 -1.95 -27.15 25.85
N ILE B 109 -2.30 -28.20 26.57
CA ILE B 109 -1.35 -29.02 27.30
C ILE B 109 -1.53 -30.46 26.87
N GLU B 110 -0.48 -31.06 26.29
CA GLU B 110 -0.54 -32.44 25.83
C GLU B 110 0.19 -33.32 26.82
N PRO B 111 -0.52 -34.14 27.60
CA PRO B 111 0.18 -35.04 28.55
C PRO B 111 0.57 -36.36 27.92
N ALA B 112 0.91 -36.34 26.62
CA ALA B 112 1.21 -37.55 25.87
C ALA B 112 2.32 -38.37 26.51
N ASP B 113 3.54 -37.84 26.50
CA ASP B 113 4.67 -38.55 27.11
C ASP B 113 4.44 -38.77 28.60
N TRP B 114 3.68 -37.90 29.25
CA TRP B 114 3.37 -38.09 30.66
C TRP B 114 2.42 -39.26 30.86
N THR B 115 1.58 -39.56 29.86
CA THR B 115 0.73 -40.74 29.94
C THR B 115 1.56 -42.01 29.83
N LYS B 116 2.36 -42.12 28.76
CA LYS B 116 3.25 -43.26 28.58
C LYS B 116 4.53 -43.14 29.40
N ASN B 117 4.51 -42.34 30.46
CA ASN B 117 5.51 -42.40 31.52
C ASN B 117 4.94 -42.95 32.82
N ILE B 118 3.63 -42.92 32.98
CA ILE B 118 2.96 -43.50 34.15
C ILE B 118 2.53 -44.91 33.79
N THR B 119 1.69 -45.05 32.75
CA THR B 119 1.26 -46.37 32.30
C THR B 119 2.43 -47.20 31.79
N ASP B 120 3.56 -46.57 31.46
CA ASP B 120 4.77 -47.33 31.16
C ASP B 120 5.40 -47.85 32.44
N LYS B 121 5.51 -46.99 33.45
CA LYS B 121 6.16 -47.33 34.72
C LYS B 121 5.17 -47.88 35.73
N ILE B 122 4.03 -48.40 35.28
CA ILE B 122 3.24 -49.23 36.18
C ILE B 122 3.90 -50.58 36.36
N ASP B 123 4.74 -50.99 35.39
CA ASP B 123 5.39 -52.29 35.42
C ASP B 123 6.58 -52.27 36.37
N GLN B 124 6.59 -51.30 37.30
CA GLN B 124 7.53 -51.27 38.40
C GLN B 124 6.89 -51.62 39.73
N ILE B 125 5.56 -51.66 39.79
CA ILE B 125 4.84 -51.99 41.01
C ILE B 125 3.92 -53.19 40.80
N ILE B 126 3.30 -53.31 39.63
CA ILE B 126 2.48 -54.49 39.34
C ILE B 126 3.36 -55.65 38.88
N HIS B 127 4.49 -55.38 38.24
CA HIS B 127 5.42 -56.43 37.86
C HIS B 127 6.27 -56.90 39.03
N ASP B 128 6.55 -56.01 39.97
CA ASP B 128 7.29 -56.35 41.18
C ASP B 128 6.32 -56.52 42.35
N PHE B 129 5.59 -57.63 42.31
CA PHE B 129 4.62 -58.00 43.34
C PHE B 129 4.92 -59.41 43.83
N VAL B 130 6.17 -59.64 44.24
CA VAL B 130 6.65 -60.95 44.64
C VAL B 130 7.06 -60.90 46.10
N ASP B 131 6.94 -62.04 46.77
CA ASP B 131 7.33 -62.15 48.17
C ASP B 131 7.85 -63.56 48.49
#